data_6USR
#
_entry.id   6USR
#
_cell.length_a   97.437
_cell.length_b   97.437
_cell.length_c   164.148
_cell.angle_alpha   90.000
_cell.angle_beta   90.000
_cell.angle_gamma   120.000
#
_symmetry.space_group_name_H-M   'P 32 2 1'
#
loop_
_entity.id
_entity.type
_entity.pdbx_description
1 polymer 'Telomerase reverse transcriptase'
2 polymer "DNA (5'-D(*GP*GP*TP*CP*AP*GP*GP*TP*CP*AP*GP*GP*TP*CP*A)-3')"
3 polymer "DNA/RNA (5'-R(*CP*UP*GP*AP*CP*CP*UP*GP*AP*C)-D(P*CP*T)-R(P*GP*AP*C)-D(P*C)-3')"
4 non-polymer 'MAGNESIUM ION'
5 non-polymer 'PHOSPHOMETHYLPHOSPHONIC ACID GUANYLATE ESTER'
6 non-polymer 'POTASSIUM ION'
7 water water
#
loop_
_entity_poly.entity_id
_entity_poly.type
_entity_poly.pdbx_seq_one_letter_code
_entity_poly.pdbx_strand_id
1 'polypeptide(L)'
;GMVHYYRLSLKSRQKAPKIVNSKYNSILNIALKNFRLCKKHKTKKPVQILALLQEIIPKSYFGTTTNLKRFYKVVEKILT
QSSFECIHLSVLHKCYDYDAIPWLQNVEPNLRPKLLLKHNLFLLDNIVKPIIAFYYKPIKTLNGHEIKFIRKEEYISFES
KVFHKLKKMKYLVEVQDEVKPRGVLNIIPKQDNFRAIVSIFPDSARKPFFKLLTSKIYKVLEEKYKTSGSLYTCWSEFTQ
KTQGQIYGIKVDIRDAYGNVKIPVLCKLIQSIPTHLLDSEKKNFIVDHISNQFVAFRRKIYKWNHGLLQGDPLSGCLCEL
YMAFMDRLYFSNLDKDAFIHRTVDDYFFCSPHPHKVYDFELLIKGVYQVNPTKTRTNLPTHRHPQDEIPYCGKIFNLTTR
QVRTLYKLPPNYEIRHKFKLWNFNNQISDDNPARFLQKAMDFPFICNSFTKFEFNTVFNDQRTVFANFYDAMICVAYKFD
AAMMALRTSFLVNDFGFIWLVLSSTVRAYASRAFKKIVTYKGGKYRKVTFQCLKSIAWRAFLAVLKRRTEIYKGLIDRIK
SREKLTMKFHDGEVDASYFCKLPEKFRFVKINRKASI
;
A
2 'polydeoxyribonucleotide' (DG)(DG)(DT)(DC)(DA)(DG)(DG)(DT)(DC)(DA)(DG)(DG)(DT)(DC)(DA) E
3 'polydeoxyribonucleotide/polyribonucleotide hybrid' CUGACCUGAC(DC)(DT)GAC(DC) F
#
loop_
_chem_comp.id
_chem_comp.type
_chem_comp.name
_chem_comp.formula
A RNA linking ADENOSINE-5'-MONOPHOSPHATE 'C10 H14 N5 O7 P'
C RNA linking CYTIDINE-5'-MONOPHOSPHATE 'C9 H14 N3 O8 P'
DA DNA linking 2'-DEOXYADENOSINE-5'-MONOPHOSPHATE 'C10 H14 N5 O6 P'
DC DNA linking 2'-DEOXYCYTIDINE-5'-MONOPHOSPHATE 'C9 H14 N3 O7 P'
DG DNA linking 2'-DEOXYGUANOSINE-5'-MONOPHOSPHATE 'C10 H14 N5 O7 P'
DT DNA linking THYMIDINE-5'-MONOPHOSPHATE 'C10 H15 N2 O8 P'
G RNA linking GUANOSINE-5'-MONOPHOSPHATE 'C10 H14 N5 O8 P'
G2P non-polymer 'PHOSPHOMETHYLPHOSPHONIC ACID GUANYLATE ESTER' 'C11 H18 N5 O13 P3'
K non-polymer 'POTASSIUM ION' 'K 1'
MG non-polymer 'MAGNESIUM ION' 'Mg 2'
U RNA linking URIDINE-5'-MONOPHOSPHATE 'C9 H13 N2 O9 P'
#
# COMPACT_ATOMS: atom_id res chain seq x y z
N MET A 2 -3.87 -1.13 28.74
CA MET A 2 -3.20 -2.41 28.56
C MET A 2 -3.13 -2.76 27.08
N VAL A 3 -3.15 -4.06 26.77
CA VAL A 3 -3.10 -4.54 25.40
C VAL A 3 -4.43 -5.24 25.10
N HIS A 4 -5.18 -4.69 24.15
CA HIS A 4 -6.45 -5.28 23.72
C HIS A 4 -6.39 -5.82 22.30
N TYR A 5 -5.24 -5.75 21.64
CA TYR A 5 -5.11 -6.17 20.26
C TYR A 5 -4.38 -7.51 20.16
N TYR A 6 -4.82 -8.32 19.22
CA TYR A 6 -4.12 -9.51 18.77
C TYR A 6 -3.85 -9.33 17.29
N ARG A 7 -2.60 -9.57 16.89
CA ARG A 7 -2.16 -9.30 15.54
C ARG A 7 -2.40 -10.50 14.64
N LEU A 8 -2.91 -10.25 13.44
CA LEU A 8 -3.29 -11.32 12.53
C LEU A 8 -2.11 -11.91 11.78
N SER A 9 -1.00 -11.18 11.67
CA SER A 9 0.12 -11.64 10.86
C SER A 9 0.70 -12.94 11.41
N LEU A 10 1.21 -13.77 10.49
CA LEU A 10 1.82 -15.03 10.91
C LEU A 10 3.12 -14.79 11.67
N LYS A 11 3.76 -13.65 11.47
CA LYS A 11 5.08 -13.36 12.06
C LYS A 11 5.14 -13.73 13.54
N SER A 12 4.08 -13.42 14.27
CA SER A 12 4.03 -13.68 15.71
C SER A 12 3.75 -15.15 16.04
N ARG A 13 3.68 -16.04 15.06
CA ARG A 13 3.38 -17.43 15.34
C ARG A 13 4.52 -18.08 16.12
N GLN A 14 4.22 -19.25 16.68
CA GLN A 14 5.15 -20.00 17.50
C GLN A 14 5.25 -21.43 16.98
N LYS A 15 6.47 -21.97 17.05
CA LYS A 15 6.67 -23.36 16.63
C LYS A 15 6.06 -24.29 17.66
N ALA A 16 5.22 -25.21 17.19
CA ALA A 16 4.45 -26.06 18.10
C ALA A 16 5.38 -26.94 18.93
N PRO A 17 5.14 -27.06 20.23
CA PRO A 17 5.92 -28.00 21.05
C PRO A 17 5.48 -29.44 20.79
N LYS A 18 6.38 -30.36 21.14
CA LYS A 18 6.06 -31.79 21.01
C LYS A 18 4.86 -32.15 21.87
N ILE A 19 4.80 -31.62 23.08
CA ILE A 19 3.71 -31.89 23.99
C ILE A 19 3.02 -30.58 24.35
N VAL A 20 1.78 -30.69 24.83
CA VAL A 20 1.14 -29.56 25.48
C VAL A 20 2.06 -29.07 26.59
N ASN A 21 2.06 -27.76 26.82
CA ASN A 21 2.69 -27.29 28.03
C ASN A 21 1.74 -27.54 29.20
N SER A 22 2.32 -27.89 30.34
CA SER A 22 1.54 -28.32 31.49
C SER A 22 0.41 -27.35 31.84
N LYS A 23 0.60 -26.06 31.52
CA LYS A 23 -0.43 -25.07 31.81
C LYS A 23 -1.71 -25.35 31.02
N TYR A 24 -1.57 -25.77 29.76
CA TYR A 24 -2.71 -25.98 28.90
C TYR A 24 -3.22 -27.42 29.04
N ASN A 25 -4.48 -27.61 28.66
CA ASN A 25 -5.19 -28.86 28.91
C ASN A 25 -4.77 -29.93 27.92
N SER A 26 -4.90 -31.19 28.35
CA SER A 26 -4.40 -32.33 27.58
C SER A 26 -5.05 -32.41 26.19
N ILE A 27 -6.29 -31.95 26.07
CA ILE A 27 -7.06 -32.00 24.83
C ILE A 27 -6.22 -31.53 23.65
N LEU A 28 -5.54 -30.39 23.82
CA LEU A 28 -4.77 -29.78 22.74
C LEU A 28 -3.85 -30.78 22.06
N ASN A 29 -3.26 -31.70 22.83
CA ASN A 29 -2.28 -32.63 22.28
C ASN A 29 -2.81 -33.36 21.06
N ILE A 30 -4.06 -33.84 21.12
CA ILE A 30 -4.57 -34.59 19.98
C ILE A 30 -4.52 -33.71 18.73
N ALA A 31 -5.01 -32.48 18.85
CA ALA A 31 -4.83 -31.48 17.80
C ALA A 31 -3.37 -31.45 17.36
N LEU A 32 -2.46 -31.20 18.30
CA LEU A 32 -1.04 -31.20 18.01
C LEU A 32 -0.64 -32.46 17.25
N LYS A 33 -1.05 -33.63 17.77
CA LYS A 33 -0.73 -34.90 17.09
C LYS A 33 -1.24 -34.86 15.66
N ASN A 34 -2.52 -34.52 15.49
CA ASN A 34 -3.09 -34.41 14.15
C ASN A 34 -2.30 -33.43 13.30
N PHE A 35 -1.89 -32.29 13.89
CA PHE A 35 -1.08 -31.32 13.16
C PHE A 35 0.15 -31.99 12.58
N ARG A 36 0.87 -32.74 13.41
CA ARG A 36 2.04 -33.46 12.93
C ARG A 36 1.64 -34.38 11.78
N LEU A 37 0.61 -35.20 12.00
CA LEU A 37 0.07 -36.04 10.93
C LEU A 37 -0.26 -35.19 9.72
N CYS A 38 -0.95 -34.05 9.94
CA CYS A 38 -1.30 -33.15 8.85
C CYS A 38 -0.06 -32.65 8.13
N LYS A 39 0.98 -32.29 8.88
CA LYS A 39 2.23 -31.89 8.22
C LYS A 39 2.82 -33.05 7.44
N LYS A 40 2.72 -34.26 8.00
CA LYS A 40 3.23 -35.45 7.30
C LYS A 40 2.33 -35.82 6.12
N HIS A 41 1.02 -35.56 6.25
CA HIS A 41 0.03 -35.87 5.23
C HIS A 41 0.46 -35.35 3.86
N LYS A 42 -0.02 -35.98 2.79
CA LYS A 42 0.45 -35.65 1.45
C LYS A 42 0.24 -34.17 1.17
N THR A 43 1.27 -33.53 0.60
CA THR A 43 1.20 -32.11 0.25
C THR A 43 0.53 -31.97 -1.11
N LYS A 44 -0.76 -32.27 -1.13
CA LYS A 44 -1.55 -32.14 -2.34
C LYS A 44 -1.68 -30.67 -2.72
N LYS A 45 -1.47 -30.36 -4.00
CA LYS A 45 -1.56 -28.97 -4.44
C LYS A 45 -2.95 -28.35 -4.29
N PRO A 46 -4.08 -29.10 -4.44
CA PRO A 46 -5.39 -28.53 -4.04
C PRO A 46 -5.59 -28.64 -2.54
N VAL A 47 -5.60 -27.50 -1.87
CA VAL A 47 -5.57 -27.43 -0.41
C VAL A 47 -6.42 -26.26 0.05
N GLN A 48 -7.28 -26.50 1.05
CA GLN A 48 -8.03 -25.44 1.71
C GLN A 48 -7.74 -25.50 3.20
N ILE A 49 -7.16 -24.43 3.73
CA ILE A 49 -6.74 -24.40 5.12
C ILE A 49 -7.88 -24.75 6.06
N LEU A 50 -9.10 -24.34 5.70
CA LEU A 50 -10.26 -24.60 6.57
C LEU A 50 -10.57 -26.10 6.65
N ALA A 51 -10.55 -26.79 5.50
CA ALA A 51 -10.90 -28.20 5.49
C ALA A 51 -9.90 -29.02 6.28
N LEU A 52 -8.61 -28.92 5.92
CA LEU A 52 -7.56 -29.58 6.69
C LEU A 52 -7.61 -29.20 8.16
N LEU A 53 -7.98 -27.94 8.44
CA LEU A 53 -7.99 -27.44 9.81
C LEU A 53 -9.13 -28.03 10.63
N GLN A 54 -10.26 -28.33 10.00
CA GLN A 54 -11.36 -28.96 10.71
C GLN A 54 -11.06 -30.40 11.06
N GLU A 55 -10.07 -31.01 10.40
CA GLU A 55 -9.70 -32.38 10.70
C GLU A 55 -8.76 -32.45 11.90
N ILE A 56 -7.75 -31.58 11.93
CA ILE A 56 -6.75 -31.67 12.97
C ILE A 56 -7.31 -31.24 14.32
N ILE A 57 -8.19 -30.25 14.32
CA ILE A 57 -8.81 -29.76 15.55
C ILE A 57 -10.10 -30.55 15.77
N PRO A 58 -10.23 -31.29 16.87
CA PRO A 58 -11.50 -31.96 17.15
C PRO A 58 -12.58 -30.93 17.45
N LYS A 59 -13.75 -31.16 16.87
CA LYS A 59 -14.89 -30.27 17.17
C LYS A 59 -15.28 -30.31 18.63
N SER A 60 -14.90 -31.38 19.36
CA SER A 60 -15.28 -31.50 20.76
C SER A 60 -14.67 -30.40 21.62
N TYR A 61 -13.49 -29.89 21.25
CA TYR A 61 -12.95 -28.71 21.91
C TYR A 61 -13.98 -27.60 21.93
N PHE A 62 -14.68 -27.42 20.81
CA PHE A 62 -15.65 -26.34 20.69
C PHE A 62 -17.00 -26.71 21.27
N GLY A 63 -17.38 -27.99 21.23
CA GLY A 63 -18.62 -28.41 21.85
C GLY A 63 -19.83 -28.22 20.97
N THR A 64 -20.27 -26.97 20.80
CA THR A 64 -21.42 -26.67 19.95
C THR A 64 -20.94 -26.05 18.65
N THR A 65 -21.74 -26.22 17.59
CA THR A 65 -21.36 -25.72 16.28
C THR A 65 -21.25 -24.20 16.26
N THR A 66 -22.07 -23.53 17.07
CA THR A 66 -22.01 -22.07 17.12
C THR A 66 -20.67 -21.60 17.69
N ASN A 67 -20.22 -22.20 18.78
CA ASN A 67 -18.89 -21.90 19.33
C ASN A 67 -17.79 -22.12 18.29
N LEU A 68 -17.78 -23.30 17.65
CA LEU A 68 -16.78 -23.61 16.62
C LEU A 68 -16.80 -22.56 15.51
N LYS A 69 -17.99 -22.22 15.02
CA LYS A 69 -18.08 -21.28 13.92
C LYS A 69 -17.54 -19.92 14.33
N ARG A 70 -17.78 -19.51 15.57
CA ARG A 70 -17.20 -18.26 16.06
C ARG A 70 -15.69 -18.31 16.01
N PHE A 71 -15.10 -19.44 16.40
CA PHE A 71 -13.63 -19.50 16.33
C PHE A 71 -13.11 -19.50 14.89
N TYR A 72 -13.76 -20.26 14.03
CA TYR A 72 -13.30 -20.30 12.64
C TYR A 72 -13.56 -19.00 11.91
N LYS A 73 -14.39 -18.10 12.47
CA LYS A 73 -14.51 -16.76 11.88
C LYS A 73 -13.19 -15.99 11.99
N VAL A 74 -12.52 -16.05 13.15
CA VAL A 74 -11.23 -15.37 13.26
C VAL A 74 -10.18 -16.09 12.43
N VAL A 75 -10.29 -17.42 12.32
CA VAL A 75 -9.36 -18.11 11.42
C VAL A 75 -9.52 -17.58 9.99
N GLU A 76 -10.77 -17.43 9.55
CA GLU A 76 -11.04 -16.89 8.22
C GLU A 76 -10.49 -15.47 8.08
N LYS A 77 -10.65 -14.65 9.12
CA LYS A 77 -10.08 -13.31 9.12
C LYS A 77 -8.58 -13.35 8.88
N ILE A 78 -7.89 -14.30 9.52
CA ILE A 78 -6.45 -14.45 9.33
C ILE A 78 -6.12 -14.83 7.89
N LEU A 79 -6.91 -15.75 7.32
CA LEU A 79 -6.68 -16.13 5.93
C LEU A 79 -6.91 -14.97 4.97
N THR A 80 -7.80 -14.05 5.33
CA THR A 80 -8.10 -12.88 4.51
C THR A 80 -7.49 -11.61 5.10
N GLN A 81 -6.33 -11.73 5.75
CA GLN A 81 -5.79 -10.59 6.48
C GLN A 81 -5.07 -9.62 5.55
N SER A 82 -4.98 -8.38 6.01
CA SER A 82 -4.17 -7.35 5.39
C SER A 82 -3.06 -6.97 6.34
N SER A 83 -2.05 -6.29 5.82
CA SER A 83 -0.93 -5.86 6.65
C SER A 83 -1.42 -4.96 7.77
N PHE A 84 -0.81 -5.13 8.96
CA PHE A 84 -1.08 -4.39 10.18
C PHE A 84 -2.45 -4.68 10.78
N GLU A 85 -3.25 -5.56 10.18
CA GLU A 85 -4.60 -5.81 10.67
C GLU A 85 -4.56 -6.47 12.05
N CYS A 86 -5.56 -6.16 12.87
CA CYS A 86 -5.66 -6.69 14.22
C CYS A 86 -7.12 -7.03 14.52
N ILE A 87 -7.31 -7.80 15.58
CA ILE A 87 -8.62 -8.02 16.17
C ILE A 87 -8.49 -7.83 17.67
N HIS A 88 -9.61 -7.63 18.34
CA HIS A 88 -9.56 -7.53 19.79
C HIS A 88 -9.29 -8.90 20.38
N LEU A 89 -8.33 -8.98 21.31
CA LEU A 89 -8.16 -10.20 22.09
C LEU A 89 -9.49 -10.61 22.73
N SER A 90 -10.31 -9.62 23.09
CA SER A 90 -11.60 -9.88 23.71
C SER A 90 -12.41 -10.91 22.92
N VAL A 91 -12.45 -10.78 21.60
CA VAL A 91 -13.28 -11.63 20.74
C VAL A 91 -12.97 -13.11 20.91
N LEU A 92 -11.82 -13.46 21.49
CA LEU A 92 -11.47 -14.87 21.60
C LEU A 92 -12.17 -15.57 22.76
N HIS A 93 -12.84 -14.84 23.66
CA HIS A 93 -13.53 -15.47 24.77
C HIS A 93 -14.97 -14.97 24.90
N LYS A 94 -15.19 -13.70 24.53
CA LYS A 94 -16.49 -13.08 24.75
C LYS A 94 -17.57 -13.77 23.92
N CYS A 95 -18.75 -13.92 24.53
CA CYS A 95 -19.96 -14.39 23.87
C CYS A 95 -19.84 -15.82 23.36
N TYR A 96 -18.96 -16.62 23.98
CA TYR A 96 -18.84 -18.04 23.69
C TYR A 96 -19.74 -18.82 24.63
N ASP A 97 -20.50 -19.77 24.08
CA ASP A 97 -21.38 -20.59 24.91
C ASP A 97 -20.53 -21.50 25.78
N TYR A 98 -20.29 -21.06 27.02
CA TYR A 98 -19.47 -21.80 27.96
C TYR A 98 -20.15 -23.08 28.44
N ASP A 99 -21.49 -23.13 28.41
CA ASP A 99 -22.18 -24.34 28.78
C ASP A 99 -21.90 -25.49 27.82
N ALA A 100 -21.49 -25.20 26.58
CA ALA A 100 -21.25 -26.27 25.62
C ALA A 100 -19.88 -26.91 25.81
N ILE A 101 -18.87 -26.14 26.19
CA ILE A 101 -17.51 -26.64 26.34
C ILE A 101 -17.47 -27.67 27.45
N PRO A 102 -17.18 -28.95 27.15
CA PRO A 102 -17.29 -30.00 28.17
C PRO A 102 -16.19 -29.93 29.21
N TRP A 103 -14.94 -29.76 28.76
CA TRP A 103 -13.83 -29.72 29.70
C TRP A 103 -13.91 -28.50 30.60
N LEU A 104 -14.44 -27.38 30.08
CA LEU A 104 -14.64 -26.20 30.90
C LEU A 104 -15.79 -26.37 31.88
N GLN A 105 -16.77 -27.22 31.57
CA GLN A 105 -17.93 -27.38 32.44
C GLN A 105 -17.55 -27.88 33.83
N ASN A 106 -16.52 -28.74 33.92
CA ASN A 106 -16.08 -29.23 35.22
C ASN A 106 -15.47 -28.10 36.05
N VAL A 107 -14.77 -27.17 35.39
CA VAL A 107 -14.09 -26.05 36.09
C VAL A 107 -15.11 -25.02 36.55
N GLU A 108 -14.69 -24.24 37.54
CA GLU A 108 -15.53 -23.15 38.06
C GLU A 108 -15.82 -22.14 36.94
N PRO A 109 -17.03 -21.60 36.88
CA PRO A 109 -17.38 -20.68 35.78
C PRO A 109 -16.56 -19.40 35.74
N ASN A 110 -16.17 -18.84 36.89
CA ASN A 110 -15.49 -17.56 36.92
C ASN A 110 -14.23 -17.57 36.06
N LEU A 111 -13.49 -18.67 36.10
CA LEU A 111 -12.23 -18.77 35.37
C LEU A 111 -12.40 -19.22 33.93
N ARG A 112 -13.62 -19.55 33.51
CA ARG A 112 -13.80 -20.11 32.17
C ARG A 112 -13.35 -19.19 31.05
N PRO A 113 -13.72 -17.88 31.01
CA PRO A 113 -13.21 -17.01 29.94
C PRO A 113 -11.70 -17.05 29.78
N LYS A 114 -10.98 -16.61 30.82
CA LYS A 114 -9.52 -16.58 30.78
C LYS A 114 -8.94 -17.87 30.22
N LEU A 115 -9.20 -18.99 30.89
CA LEU A 115 -8.75 -20.29 30.40
C LEU A 115 -9.08 -20.45 28.93
N LEU A 116 -10.36 -20.32 28.58
CA LEU A 116 -10.78 -20.36 27.18
C LEU A 116 -9.88 -19.47 26.34
N LEU A 117 -9.84 -18.17 26.69
CA LEU A 117 -8.97 -17.22 26.02
C LEU A 117 -7.59 -17.83 25.79
N LYS A 118 -6.93 -18.19 26.89
CA LYS A 118 -5.59 -18.76 26.80
C LYS A 118 -5.54 -19.86 25.77
N HIS A 119 -6.41 -20.87 25.93
CA HIS A 119 -6.39 -22.01 25.02
C HIS A 119 -6.62 -21.57 23.59
N ASN A 120 -7.62 -20.72 23.36
CA ASN A 120 -7.85 -20.23 22.01
C ASN A 120 -6.59 -19.60 21.47
N LEU A 121 -5.99 -18.69 22.24
CA LEU A 121 -4.72 -18.09 21.87
C LEU A 121 -3.74 -19.17 21.43
N PHE A 122 -3.54 -20.17 22.29
CA PHE A 122 -2.61 -21.26 21.97
C PHE A 122 -2.88 -21.79 20.57
N LEU A 123 -4.11 -22.25 20.33
CA LEU A 123 -4.41 -22.95 19.08
C LEU A 123 -4.12 -22.07 17.87
N LEU A 124 -4.22 -20.75 18.03
CA LEU A 124 -3.93 -19.87 16.90
C LEU A 124 -2.43 -19.72 16.69
N ASP A 125 -1.66 -19.54 17.76
CA ASP A 125 -0.24 -19.28 17.61
C ASP A 125 0.55 -20.54 17.29
N ASN A 126 0.09 -21.70 17.79
CA ASN A 126 0.83 -22.95 17.63
C ASN A 126 0.31 -23.83 16.50
N ILE A 127 -0.93 -23.66 16.05
CA ILE A 127 -1.47 -24.52 15.02
C ILE A 127 -1.83 -23.73 13.78
N VAL A 128 -2.84 -22.84 13.91
CA VAL A 128 -3.42 -22.13 12.76
C VAL A 128 -2.36 -21.36 11.99
N LYS A 129 -1.77 -20.35 12.61
CA LYS A 129 -0.71 -19.61 11.93
C LYS A 129 0.43 -20.51 11.47
N PRO A 130 0.93 -21.47 12.28
CA PRO A 130 1.97 -22.36 11.75
C PRO A 130 1.55 -23.18 10.54
N ILE A 131 0.34 -23.75 10.52
CA ILE A 131 -0.05 -24.57 9.37
C ILE A 131 -0.22 -23.71 8.13
N ILE A 132 -0.80 -22.51 8.28
CA ILE A 132 -0.88 -21.58 7.16
C ILE A 132 0.51 -21.30 6.61
N ALA A 133 1.45 -20.98 7.50
CA ALA A 133 2.82 -20.70 7.05
C ALA A 133 3.47 -21.93 6.42
N PHE A 134 3.06 -23.13 6.85
CA PHE A 134 3.65 -24.35 6.31
C PHE A 134 3.21 -24.57 4.88
N TYR A 135 1.92 -24.43 4.60
CA TYR A 135 1.45 -24.66 3.24
C TYR A 135 1.51 -23.43 2.35
N TYR A 136 1.34 -22.24 2.92
CA TYR A 136 1.36 -21.01 2.14
C TYR A 136 2.43 -20.06 2.68
N LYS A 137 2.95 -19.23 1.78
CA LYS A 137 3.84 -18.11 2.05
C LYS A 137 3.14 -16.80 1.73
N PRO A 138 3.22 -15.82 2.63
CA PRO A 138 2.53 -14.55 2.41
C PRO A 138 3.46 -13.46 1.89
N ILE A 139 3.14 -12.87 0.74
CA ILE A 139 3.98 -11.81 0.17
C ILE A 139 3.13 -10.55 0.02
N LYS A 140 3.74 -9.41 0.36
CA LYS A 140 3.05 -8.14 0.19
C LYS A 140 2.99 -7.76 -1.28
N THR A 141 1.78 -7.45 -1.75
CA THR A 141 1.61 -7.02 -3.13
C THR A 141 2.24 -5.67 -3.39
N LEU A 142 2.47 -4.87 -2.34
CA LEU A 142 2.93 -3.49 -2.38
C LEU A 142 1.90 -2.56 -3.01
N ASN A 143 0.71 -3.05 -3.34
CA ASN A 143 -0.43 -2.22 -3.66
C ASN A 143 -1.24 -2.10 -2.37
N GLY A 144 -1.14 -0.95 -1.71
CA GLY A 144 -1.79 -0.80 -0.42
C GLY A 144 -1.19 -1.74 0.60
N HIS A 145 -2.03 -2.14 1.57
CA HIS A 145 -1.67 -3.14 2.57
C HIS A 145 -2.06 -4.55 2.15
N GLU A 146 -2.22 -4.80 0.85
CA GLU A 146 -2.71 -6.10 0.40
C GLU A 146 -1.64 -7.17 0.58
N ILE A 147 -2.10 -8.38 0.89
CA ILE A 147 -1.24 -9.55 1.05
C ILE A 147 -1.75 -10.64 0.13
N LYS A 148 -0.87 -11.16 -0.73
CA LYS A 148 -1.19 -12.29 -1.57
C LYS A 148 -0.59 -13.55 -0.97
N PHE A 149 -1.36 -14.63 -0.97
CA PHE A 149 -0.94 -15.91 -0.42
C PHE A 149 -0.58 -16.85 -1.55
N ILE A 150 0.69 -17.23 -1.63
CA ILE A 150 1.14 -18.19 -2.63
C ILE A 150 1.37 -19.51 -1.94
N ARG A 151 1.24 -20.61 -2.66
CA ARG A 151 1.69 -21.88 -2.13
C ARG A 151 3.17 -21.78 -1.80
N LYS A 152 3.55 -22.29 -0.62
CA LYS A 152 4.95 -22.20 -0.18
C LYS A 152 5.88 -22.81 -1.22
N GLU A 153 5.44 -23.90 -1.86
CA GLU A 153 6.30 -24.64 -2.76
C GLU A 153 6.63 -23.80 -4.00
N GLU A 154 5.62 -23.22 -4.65
CA GLU A 154 5.90 -22.46 -5.86
C GLU A 154 6.58 -21.13 -5.56
N TYR A 155 6.38 -20.55 -4.37
CA TYR A 155 7.16 -19.35 -4.06
C TYR A 155 8.63 -19.69 -3.83
N ILE A 156 8.91 -20.78 -3.11
CA ILE A 156 10.32 -21.13 -2.92
C ILE A 156 10.96 -21.45 -4.27
N SER A 157 10.20 -22.08 -5.18
CA SER A 157 10.76 -22.35 -6.50
C SER A 157 10.99 -21.05 -7.27
N PHE A 158 10.09 -20.07 -7.16
CA PHE A 158 10.30 -18.79 -7.82
C PHE A 158 11.54 -18.09 -7.27
N GLU A 159 11.63 -17.97 -5.94
CA GLU A 159 12.75 -17.26 -5.34
C GLU A 159 14.08 -17.96 -5.63
N SER A 160 14.10 -19.30 -5.65
CA SER A 160 15.36 -20.00 -5.93
C SER A 160 15.71 -19.97 -7.41
N LYS A 161 14.71 -20.04 -8.29
CA LYS A 161 14.95 -19.87 -9.71
C LYS A 161 15.64 -18.55 -9.99
N VAL A 162 15.06 -17.47 -9.48
CA VAL A 162 15.68 -16.17 -9.71
C VAL A 162 16.97 -16.01 -8.89
N PHE A 163 17.11 -16.72 -7.77
CA PHE A 163 18.36 -16.69 -7.02
C PHE A 163 19.50 -17.27 -7.84
N HIS A 164 19.26 -18.39 -8.54
CA HIS A 164 20.29 -18.94 -9.41
C HIS A 164 20.50 -18.05 -10.64
N LYS A 165 19.41 -17.52 -11.21
CA LYS A 165 19.50 -16.54 -12.28
C LYS A 165 20.31 -15.32 -11.86
N LEU A 166 20.45 -15.07 -10.56
CA LEU A 166 21.25 -13.97 -10.05
C LEU A 166 22.68 -14.37 -9.68
N LYS A 167 22.88 -15.57 -9.15
CA LYS A 167 24.24 -16.05 -8.87
C LYS A 167 25.03 -16.21 -10.15
N LYS A 168 24.39 -16.75 -11.20
CA LYS A 168 25.08 -16.96 -12.47
C LYS A 168 25.65 -15.65 -13.01
N MET A 169 24.81 -14.63 -13.10
CA MET A 169 25.31 -13.31 -13.45
C MET A 169 26.04 -12.72 -12.24
N LYS A 170 26.91 -11.74 -12.50
CA LYS A 170 27.74 -11.25 -11.42
C LYS A 170 26.96 -10.47 -10.37
N TYR A 171 25.74 -10.04 -10.70
CA TYR A 171 24.85 -9.27 -9.82
C TYR A 171 24.93 -9.69 -8.35
N LEU A 172 25.04 -10.98 -8.09
CA LEU A 172 25.09 -11.52 -6.74
C LEU A 172 26.27 -12.47 -6.65
N VAL A 173 27.23 -12.18 -5.77
CA VAL A 173 28.33 -13.09 -5.56
C VAL A 173 28.44 -13.37 -4.08
N GLU A 174 29.19 -14.41 -3.71
CA GLU A 174 29.47 -14.69 -2.31
C GLU A 174 30.91 -14.31 -1.99
N VAL A 175 31.08 -13.39 -1.03
CA VAL A 175 32.41 -12.97 -0.60
C VAL A 175 32.91 -13.74 0.62
N GLN A 176 32.04 -14.48 1.29
CA GLN A 176 32.38 -15.63 2.15
C GLN A 176 33.40 -15.31 3.25
N ASP A 177 33.46 -14.07 3.73
CA ASP A 177 34.33 -13.75 4.87
C ASP A 177 33.55 -13.44 6.14
N GLU A 178 32.30 -13.91 6.23
CA GLU A 178 31.47 -13.73 7.43
C GLU A 178 31.39 -12.26 7.86
N VAL A 179 31.41 -11.36 6.88
CA VAL A 179 31.19 -9.94 7.18
C VAL A 179 29.74 -9.74 7.60
N LYS A 180 29.51 -8.85 8.56
CA LYS A 180 28.20 -8.71 9.18
C LYS A 180 27.13 -8.45 8.13
N PRO A 181 25.98 -9.13 8.19
CA PRO A 181 24.93 -8.88 7.19
C PRO A 181 24.24 -7.56 7.45
N ARG A 182 24.16 -6.74 6.41
CA ARG A 182 23.43 -5.48 6.50
C ARG A 182 21.93 -5.73 6.67
N GLY A 183 21.41 -6.75 6.02
CA GLY A 183 20.01 -7.11 6.11
C GLY A 183 19.78 -8.37 5.32
N VAL A 184 18.53 -8.85 5.34
CA VAL A 184 18.18 -10.10 4.68
C VAL A 184 17.50 -9.79 3.35
N LEU A 185 18.00 -10.40 2.28
CA LEU A 185 17.44 -10.18 0.96
C LEU A 185 16.16 -10.99 0.79
N ASN A 186 15.10 -10.32 0.34
CA ASN A 186 13.85 -10.94 -0.02
C ASN A 186 13.62 -10.75 -1.51
N ILE A 187 13.12 -11.80 -2.16
CA ILE A 187 12.73 -11.74 -3.57
C ILE A 187 11.21 -11.83 -3.60
N ILE A 188 10.57 -10.77 -4.07
CA ILE A 188 9.13 -10.62 -4.03
C ILE A 188 8.63 -10.38 -5.46
N PRO A 189 7.73 -11.22 -5.98
CA PRO A 189 7.37 -11.11 -7.39
C PRO A 189 6.87 -9.72 -7.76
N LYS A 190 7.22 -9.36 -9.00
CA LYS A 190 6.84 -8.09 -9.65
C LYS A 190 6.48 -8.42 -11.09
N GLN A 191 5.27 -8.94 -11.30
CA GLN A 191 4.81 -9.25 -12.65
C GLN A 191 5.87 -10.09 -13.34
N ASP A 192 6.52 -9.60 -14.40
CA ASP A 192 7.63 -10.32 -15.02
C ASP A 192 8.88 -10.23 -14.16
N ASN A 193 9.23 -9.03 -13.72
CA ASN A 193 10.45 -8.83 -12.97
C ASN A 193 10.33 -9.43 -11.58
N PHE A 194 11.48 -9.73 -10.98
CA PHE A 194 11.54 -10.42 -9.70
C PHE A 194 11.57 -9.47 -8.50
N ARG A 195 11.87 -8.19 -8.75
CA ARG A 195 11.91 -7.12 -7.73
C ARG A 195 12.58 -7.58 -6.44
N ALA A 196 13.91 -7.74 -6.50
CA ALA A 196 14.71 -8.17 -5.36
C ALA A 196 15.02 -6.96 -4.47
N ILE A 197 14.64 -7.10 -3.22
CA ILE A 197 14.80 -6.01 -2.23
C ILE A 197 15.51 -6.56 -0.99
N VAL A 198 15.83 -5.69 -0.06
CA VAL A 198 16.46 -6.14 1.16
C VAL A 198 15.76 -5.51 2.36
N SER A 199 15.35 -6.35 3.31
CA SER A 199 14.84 -5.87 4.60
C SER A 199 16.06 -5.68 5.51
N ILE A 200 16.43 -4.41 5.74
CA ILE A 200 17.58 -4.13 6.58
C ILE A 200 17.25 -4.50 8.02
N PHE A 201 18.28 -4.89 8.76
CA PHE A 201 18.09 -5.15 10.18
C PHE A 201 18.03 -3.82 10.92
N PRO A 202 17.19 -3.73 11.96
CA PRO A 202 16.96 -2.43 12.61
C PRO A 202 18.19 -1.96 13.38
N ASP A 203 18.65 -0.75 13.07
CA ASP A 203 19.75 -0.12 13.77
C ASP A 203 19.29 1.24 14.25
N SER A 204 19.12 1.38 15.57
CA SER A 204 18.70 2.65 16.15
C SER A 204 19.88 3.59 16.38
N ALA A 205 21.07 3.04 16.63
CA ALA A 205 22.21 3.88 16.96
C ALA A 205 22.72 4.64 15.74
N ARG A 206 22.65 4.03 14.56
CA ARG A 206 23.16 4.65 13.33
C ARG A 206 22.07 5.36 12.54
N LYS A 207 20.81 5.22 12.92
CA LYS A 207 19.72 5.87 12.19
C LYS A 207 19.84 7.40 12.16
N PRO A 208 20.10 8.09 13.27
CA PRO A 208 20.27 9.55 13.17
C PRO A 208 21.38 9.95 12.22
N PHE A 209 22.45 9.15 12.16
CA PHE A 209 23.55 9.42 11.24
C PHE A 209 23.09 9.29 9.80
N PHE A 210 22.31 8.25 9.48
CA PHE A 210 21.76 8.10 8.13
C PHE A 210 20.88 9.28 7.77
N LYS A 211 20.08 9.76 8.71
CA LYS A 211 19.21 10.90 8.42
C LYS A 211 20.04 12.15 8.15
N LEU A 212 21.09 12.37 8.94
CA LEU A 212 22.00 13.49 8.68
C LEU A 212 22.60 13.39 7.29
N LEU A 213 23.04 12.18 6.91
CA LEU A 213 23.68 11.98 5.62
C LEU A 213 22.72 12.32 4.47
N THR A 214 21.54 11.69 4.48
CA THR A 214 20.56 11.93 3.43
C THR A 214 20.11 13.38 3.39
N SER A 215 20.06 14.05 4.54
CA SER A 215 19.78 15.48 4.56
C SER A 215 20.86 16.26 3.80
N LYS A 216 22.13 15.95 4.07
CA LYS A 216 23.20 16.65 3.36
C LYS A 216 23.17 16.36 1.87
N ILE A 217 22.75 15.15 1.47
CA ILE A 217 22.75 14.82 0.05
C ILE A 217 21.57 15.52 -0.65
N TYR A 218 20.46 15.68 0.04
CA TYR A 218 19.35 16.43 -0.59
C TYR A 218 19.78 17.90 -0.66
N LYS A 219 20.57 18.35 0.29
CA LYS A 219 21.06 19.72 0.21
C LYS A 219 22.08 19.93 -0.92
N VAL A 220 22.90 18.92 -1.25
CA VAL A 220 23.74 19.10 -2.45
C VAL A 220 22.86 19.07 -3.69
N LEU A 221 21.76 18.32 -3.67
CA LEU A 221 20.83 18.34 -4.79
C LEU A 221 20.09 19.66 -4.90
N GLU A 222 19.93 20.38 -3.78
CA GLU A 222 19.31 21.71 -3.86
C GLU A 222 20.31 22.77 -4.26
N GLU A 223 21.48 22.78 -3.64
CA GLU A 223 22.48 23.82 -3.90
C GLU A 223 23.06 23.68 -5.30
N LYS A 224 23.36 22.47 -5.73
CA LYS A 224 23.76 22.19 -7.10
C LYS A 224 22.71 21.28 -7.74
N TYR A 225 22.67 21.30 -9.07
CA TYR A 225 21.56 20.73 -9.83
C TYR A 225 20.23 21.33 -9.35
N LYS A 226 20.04 22.60 -9.72
CA LYS A 226 18.85 23.36 -9.34
C LYS A 226 17.59 22.53 -9.47
N THR A 227 16.75 22.60 -8.45
CA THR A 227 15.54 21.78 -8.40
C THR A 227 14.71 21.99 -9.65
N SER A 228 14.25 20.87 -10.24
CA SER A 228 13.50 20.93 -11.50
C SER A 228 12.22 21.75 -11.37
N GLY A 229 11.71 21.94 -10.18
CA GLY A 229 10.51 22.71 -9.99
C GLY A 229 9.31 21.84 -9.66
N SER A 230 8.34 22.44 -8.96
CA SER A 230 7.14 21.71 -8.57
C SER A 230 6.32 21.31 -9.79
N LEU A 231 5.87 20.05 -9.81
CA LEU A 231 5.13 19.53 -10.96
C LEU A 231 3.87 20.35 -11.22
N TYR A 232 3.20 20.81 -10.17
CA TYR A 232 1.98 21.59 -10.33
C TYR A 232 2.23 22.84 -11.18
N THR A 233 3.20 23.66 -10.77
CA THR A 233 3.48 24.89 -11.51
C THR A 233 4.08 24.62 -12.88
N CYS A 234 4.84 23.53 -13.00
CA CYS A 234 5.31 23.08 -14.31
C CYS A 234 4.14 22.93 -15.28
N TRP A 235 3.18 22.06 -14.92
CA TRP A 235 2.01 21.84 -15.76
C TRP A 235 1.22 23.13 -15.97
N SER A 236 1.08 23.94 -14.92
CA SER A 236 0.32 25.18 -15.01
C SER A 236 0.88 26.09 -16.10
N GLU A 237 2.15 26.48 -15.96
CA GLU A 237 2.77 27.38 -16.91
C GLU A 237 2.81 26.78 -18.31
N PHE A 238 3.07 25.47 -18.41
CA PHE A 238 3.15 24.86 -19.73
C PHE A 238 1.81 24.89 -20.46
N THR A 239 0.72 24.55 -19.76
CA THR A 239 -0.60 24.57 -20.40
C THR A 239 -1.04 25.99 -20.71
N GLN A 240 -0.66 26.98 -19.88
CA GLN A 240 -1.06 28.35 -20.17
C GLN A 240 -0.30 28.90 -21.38
N LYS A 241 1.00 28.60 -21.48
CA LYS A 241 1.81 29.18 -22.55
C LYS A 241 1.56 28.51 -23.90
N THR A 242 1.23 27.22 -23.92
CA THR A 242 1.02 26.48 -25.16
C THR A 242 -0.48 26.35 -25.43
N GLN A 243 -0.91 26.80 -26.61
CA GLN A 243 -2.32 26.70 -26.99
C GLN A 243 -2.62 25.52 -27.90
N GLY A 244 -1.61 24.98 -28.58
CA GLY A 244 -1.81 23.91 -29.53
C GLY A 244 -1.92 22.55 -28.88
N GLN A 245 -2.06 21.53 -29.73
CA GLN A 245 -2.18 20.16 -29.26
C GLN A 245 -0.89 19.72 -28.59
N ILE A 246 -1.02 19.12 -27.41
CA ILE A 246 0.14 18.72 -26.62
C ILE A 246 0.48 17.28 -26.94
N TYR A 247 1.72 17.05 -27.37
CA TYR A 247 2.23 15.71 -27.60
C TYR A 247 3.18 15.38 -26.46
N GLY A 248 2.97 14.25 -25.82
CA GLY A 248 3.74 13.91 -24.64
C GLY A 248 4.04 12.42 -24.59
N ILE A 249 5.15 12.10 -23.95
CA ILE A 249 5.57 10.71 -23.76
C ILE A 249 6.01 10.52 -22.32
N LYS A 250 5.61 9.40 -21.73
CA LYS A 250 6.04 8.99 -20.41
C LYS A 250 6.86 7.71 -20.56
N VAL A 251 8.01 7.65 -19.87
CA VAL A 251 8.92 6.47 -19.98
C VAL A 251 9.35 5.99 -18.60
N ASP A 252 9.39 4.66 -18.43
CA ASP A 252 9.80 4.03 -17.15
C ASP A 252 11.19 3.41 -17.32
N ILE A 253 12.19 3.95 -16.63
CA ILE A 253 13.58 3.42 -16.71
C ILE A 253 13.55 1.97 -16.22
N ARG A 254 14.22 1.06 -16.90
CA ARG A 254 14.24 -0.34 -16.47
C ARG A 254 15.33 -0.53 -15.42
N ASP A 255 14.93 -0.98 -14.22
CA ASP A 255 15.89 -1.23 -13.12
C ASP A 255 16.73 0.01 -12.87
N ALA A 256 16.07 1.12 -12.54
CA ALA A 256 16.78 2.40 -12.32
C ALA A 256 17.87 2.25 -11.27
N TYR A 257 17.61 1.50 -10.20
CA TYR A 257 18.60 1.37 -9.11
C TYR A 257 19.72 0.42 -9.53
N GLY A 258 19.39 -0.67 -10.15
CA GLY A 258 20.38 -1.64 -10.59
C GLY A 258 21.41 -1.05 -11.53
N ASN A 259 20.96 -0.32 -12.55
CA ASN A 259 21.86 0.10 -13.61
C ASN A 259 22.68 1.34 -13.26
N VAL A 260 22.60 1.86 -12.03
CA VAL A 260 23.56 2.87 -11.61
C VAL A 260 24.92 2.21 -11.44
N LYS A 261 25.97 2.97 -11.69
CA LYS A 261 27.34 2.44 -11.69
C LYS A 261 28.04 2.89 -10.41
N ILE A 262 28.22 1.95 -9.47
CA ILE A 262 28.86 2.26 -8.20
C ILE A 262 30.21 2.96 -8.37
N PRO A 263 31.09 2.55 -9.29
CA PRO A 263 32.33 3.34 -9.50
C PRO A 263 32.05 4.81 -9.77
N VAL A 264 31.15 5.09 -10.70
CA VAL A 264 30.84 6.48 -11.07
C VAL A 264 30.21 7.21 -9.90
N LEU A 265 29.34 6.53 -9.14
CA LEU A 265 28.66 7.19 -8.03
C LEU A 265 29.60 7.46 -6.87
N CYS A 266 30.53 6.54 -6.59
CA CYS A 266 31.55 6.78 -5.58
C CYS A 266 32.42 7.98 -5.96
N LYS A 267 32.93 7.98 -7.20
CA LYS A 267 33.75 9.10 -7.64
C LYS A 267 32.95 10.40 -7.74
N LEU A 268 31.63 10.31 -7.84
CA LEU A 268 30.79 11.50 -7.80
C LEU A 268 30.59 11.97 -6.36
N ILE A 269 30.46 11.04 -5.42
CA ILE A 269 30.34 11.40 -4.01
C ILE A 269 31.61 12.05 -3.52
N GLN A 270 32.76 11.58 -3.98
CA GLN A 270 34.02 12.22 -3.60
C GLN A 270 34.13 13.62 -4.19
N SER A 271 33.43 13.89 -5.29
CA SER A 271 33.51 15.20 -5.94
C SER A 271 32.88 16.31 -5.11
N ILE A 272 31.96 15.99 -4.21
CA ILE A 272 31.22 17.02 -3.48
C ILE A 272 32.19 17.86 -2.67
N PRO A 273 32.05 19.19 -2.67
CA PRO A 273 32.93 20.04 -1.88
C PRO A 273 32.89 19.66 -0.41
N THR A 274 34.06 19.76 0.23
CA THR A 274 34.22 19.24 1.59
C THR A 274 33.41 20.02 2.63
N HIS A 275 33.03 21.27 2.36
CA HIS A 275 32.21 21.99 3.33
C HIS A 275 30.77 21.50 3.32
N LEU A 276 30.27 21.09 2.16
CA LEU A 276 28.91 20.57 2.11
C LEU A 276 28.86 19.14 2.63
N LEU A 277 29.94 18.37 2.45
CA LEU A 277 30.03 17.02 3.00
C LEU A 277 31.49 16.76 3.39
N ASP A 278 31.70 16.46 4.66
CA ASP A 278 33.05 16.23 5.17
C ASP A 278 33.63 14.94 4.59
N SER A 279 34.96 14.93 4.43
CA SER A 279 35.63 13.83 3.75
C SER A 279 35.53 12.52 4.54
N GLU A 280 35.47 12.57 5.86
CA GLU A 280 35.22 11.36 6.62
C GLU A 280 33.82 10.82 6.35
N LYS A 281 32.82 11.71 6.38
CA LYS A 281 31.46 11.32 6.01
C LYS A 281 31.39 10.88 4.56
N LYS A 282 32.12 11.59 3.69
CA LYS A 282 32.22 11.23 2.28
C LYS A 282 32.70 9.79 2.11
N ASN A 283 33.82 9.47 2.78
CA ASN A 283 34.36 8.12 2.71
C ASN A 283 33.37 7.10 3.25
N PHE A 284 32.63 7.45 4.30
CA PHE A 284 31.60 6.53 4.80
C PHE A 284 30.56 6.25 3.72
N ILE A 285 30.09 7.30 3.06
CA ILE A 285 29.06 7.14 2.03
C ILE A 285 29.57 6.20 0.95
N VAL A 286 30.82 6.42 0.51
CA VAL A 286 31.33 5.66 -0.63
C VAL A 286 31.60 4.21 -0.24
N ASP A 287 32.19 3.95 0.94
CA ASP A 287 32.46 2.56 1.28
C ASP A 287 31.21 1.80 1.71
N HIS A 288 30.20 2.52 2.20
CA HIS A 288 28.88 1.92 2.40
C HIS A 288 28.31 1.42 1.09
N ILE A 289 28.29 2.28 0.06
CA ILE A 289 27.69 1.87 -1.20
C ILE A 289 28.60 0.95 -2.01
N SER A 290 29.90 0.98 -1.78
CA SER A 290 30.85 0.13 -2.49
C SER A 290 30.97 -1.25 -1.87
N ASN A 291 30.52 -1.43 -0.63
CA ASN A 291 30.54 -2.72 0.04
C ASN A 291 29.15 -2.94 0.63
N GLN A 292 28.33 -3.70 -0.09
CA GLN A 292 26.98 -4.04 0.34
C GLN A 292 26.92 -5.55 0.56
N PHE A 293 26.71 -5.96 1.81
CA PHE A 293 26.75 -7.37 2.19
C PHE A 293 25.40 -7.77 2.76
N VAL A 294 24.87 -8.89 2.28
CA VAL A 294 23.46 -9.24 2.44
C VAL A 294 23.36 -10.71 2.81
N ALA A 295 22.44 -11.04 3.73
CA ALA A 295 22.25 -12.42 4.15
C ALA A 295 21.05 -13.02 3.42
N PHE A 296 21.28 -14.15 2.74
CA PHE A 296 20.18 -14.88 2.11
C PHE A 296 19.77 -16.04 3.00
N ARG A 297 19.86 -17.27 2.47
CA ARG A 297 19.48 -18.47 3.22
C ARG A 297 20.61 -18.86 4.17
N ARG A 298 20.75 -18.07 5.24
CA ARG A 298 21.81 -18.25 6.22
C ARG A 298 23.19 -18.20 5.57
N LYS A 299 23.32 -17.40 4.52
CA LYS A 299 24.58 -17.18 3.82
C LYS A 299 24.70 -15.71 3.47
N ILE A 300 25.94 -15.23 3.37
CA ILE A 300 26.22 -13.82 3.14
C ILE A 300 26.86 -13.65 1.76
N TYR A 301 26.39 -12.65 1.03
CA TYR A 301 26.73 -12.40 -0.36
C TYR A 301 26.96 -10.90 -0.55
N LYS A 302 27.81 -10.56 -1.51
CA LYS A 302 28.01 -9.17 -1.92
C LYS A 302 27.13 -8.84 -3.13
N TRP A 303 26.61 -7.60 -3.12
CA TRP A 303 25.77 -7.03 -4.17
C TRP A 303 26.61 -6.03 -4.96
N ASN A 304 26.87 -6.35 -6.23
CA ASN A 304 27.70 -5.50 -7.07
C ASN A 304 26.93 -4.91 -8.25
N HIS A 305 25.61 -5.01 -8.26
CA HIS A 305 24.81 -4.39 -9.31
C HIS A 305 24.12 -3.15 -8.73
N GLY A 306 24.68 -1.99 -9.02
CA GLY A 306 24.08 -0.71 -8.70
C GLY A 306 23.82 -0.53 -7.22
N LEU A 307 22.79 0.25 -6.92
CA LEU A 307 22.40 0.54 -5.56
C LEU A 307 21.43 -0.54 -5.07
N LEU A 308 21.73 -1.10 -3.90
CA LEU A 308 20.85 -2.09 -3.31
C LEU A 308 19.51 -1.47 -2.97
N GLN A 309 18.43 -2.12 -3.42
CA GLN A 309 17.06 -1.61 -3.16
C GLN A 309 16.63 -2.02 -1.75
N GLY A 310 16.19 -1.06 -0.93
CA GLY A 310 15.77 -1.37 0.44
C GLY A 310 16.75 -0.79 1.41
N ASP A 311 17.78 -0.11 0.89
CA ASP A 311 18.81 0.54 1.74
C ASP A 311 18.27 1.86 2.30
N PRO A 312 18.84 2.36 3.43
CA PRO A 312 18.41 3.64 4.00
C PRO A 312 19.23 4.82 3.51
N LEU A 313 19.77 4.73 2.29
CA LEU A 313 20.59 5.84 1.72
C LEU A 313 20.70 5.67 0.19
N SER A 314 20.03 4.67 -0.37
CA SER A 314 20.10 4.46 -1.82
C SER A 314 19.17 5.37 -2.61
N GLY A 315 18.06 5.80 -2.00
CA GLY A 315 17.14 6.69 -2.68
C GLY A 315 17.71 8.06 -2.99
N CYS A 316 18.18 8.76 -1.95
CA CYS A 316 18.78 10.07 -2.16
C CYS A 316 19.99 9.98 -3.07
N LEU A 317 20.73 8.87 -3.00
CA LEU A 317 21.92 8.72 -3.84
C LEU A 317 21.55 8.49 -5.30
N CYS A 318 20.57 7.62 -5.56
CA CYS A 318 20.14 7.43 -6.94
C CYS A 318 19.56 8.72 -7.51
N GLU A 319 18.83 9.47 -6.68
CA GLU A 319 18.32 10.76 -7.14
C GLU A 319 19.47 11.70 -7.45
N LEU A 320 20.48 11.76 -6.58
CA LEU A 320 21.67 12.57 -6.83
C LEU A 320 22.29 12.21 -8.18
N TYR A 321 22.50 10.92 -8.39
CA TYR A 321 23.12 10.43 -9.62
C TYR A 321 22.31 10.82 -10.85
N MET A 322 21.03 10.42 -10.88
CA MET A 322 20.17 10.70 -12.03
C MET A 322 20.05 12.20 -12.29
N ALA A 323 19.83 12.99 -11.23
CA ALA A 323 19.63 14.42 -11.39
C ALA A 323 20.88 15.10 -11.91
N PHE A 324 22.05 14.71 -11.40
CA PHE A 324 23.29 15.19 -12.00
C PHE A 324 23.42 14.76 -13.45
N MET A 325 23.04 13.51 -13.75
CA MET A 325 23.31 12.93 -15.06
C MET A 325 22.44 13.53 -16.14
N ASP A 326 21.23 13.97 -15.81
CA ASP A 326 20.36 14.61 -16.80
C ASP A 326 20.42 16.13 -16.73
N ARG A 327 21.43 16.68 -16.06
CA ARG A 327 21.56 18.14 -15.94
C ARG A 327 21.69 18.79 -17.31
N LEU A 328 22.44 18.15 -18.22
CA LEU A 328 22.73 18.76 -19.51
C LEU A 328 21.46 19.04 -20.30
N TYR A 329 20.54 18.08 -20.36
CA TYR A 329 19.27 18.31 -21.05
C TYR A 329 18.41 19.30 -20.29
N PHE A 330 18.24 19.08 -18.98
CA PHE A 330 17.37 19.90 -18.15
C PHE A 330 17.83 21.36 -18.12
N SER A 331 19.14 21.59 -18.03
CA SER A 331 19.68 22.93 -17.78
C SER A 331 19.07 23.96 -18.72
N ASN A 332 19.13 23.69 -20.02
CA ASN A 332 18.39 24.50 -20.99
C ASN A 332 17.84 23.59 -22.08
N LEU A 333 16.52 23.50 -22.13
CA LEU A 333 15.77 22.89 -23.22
C LEU A 333 15.07 23.99 -24.00
N ASP A 334 14.24 23.58 -24.96
CA ASP A 334 13.36 24.55 -25.61
C ASP A 334 12.45 25.18 -24.57
N LYS A 335 12.23 26.49 -24.71
CA LYS A 335 11.33 27.18 -23.80
C LYS A 335 9.91 26.66 -23.94
N ASP A 336 9.55 26.18 -25.13
CA ASP A 336 8.23 25.59 -25.34
C ASP A 336 8.06 24.32 -24.51
N ALA A 337 9.15 23.56 -24.34
CA ALA A 337 9.05 22.19 -23.89
C ALA A 337 8.81 22.10 -22.38
N PHE A 338 8.28 20.95 -21.97
CA PHE A 338 7.99 20.61 -20.59
C PHE A 338 8.60 19.26 -20.32
N ILE A 339 9.34 19.14 -19.21
CA ILE A 339 9.90 17.85 -18.80
C ILE A 339 9.88 17.77 -17.28
N HIS A 340 9.73 16.55 -16.76
CA HIS A 340 9.71 16.34 -15.32
C HIS A 340 10.00 14.87 -15.02
N ARG A 341 10.86 14.60 -14.04
CA ARG A 341 11.07 13.25 -13.53
C ARG A 341 10.93 13.26 -12.01
N THR A 342 10.03 12.43 -11.51
CA THR A 342 9.98 12.23 -10.07
C THR A 342 11.24 11.52 -9.62
N VAL A 343 11.30 10.23 -9.92
CA VAL A 343 12.42 9.30 -9.71
C VAL A 343 12.17 8.18 -10.71
N ASP A 344 13.18 7.93 -11.54
CA ASP A 344 13.17 6.83 -12.55
C ASP A 344 12.00 6.96 -13.53
N ASP A 345 11.17 8.00 -13.41
CA ASP A 345 9.99 8.12 -14.32
C ASP A 345 10.00 9.47 -15.04
N TYR A 346 10.26 9.49 -16.35
CA TYR A 346 10.37 10.72 -17.11
C TYR A 346 9.08 11.03 -17.86
N PHE A 347 8.74 12.32 -17.95
CA PHE A 347 7.52 12.78 -18.58
C PHE A 347 7.84 14.03 -19.38
N PHE A 348 7.70 13.98 -20.71
CA PHE A 348 8.11 15.08 -21.58
C PHE A 348 6.98 15.42 -22.55
N CYS A 349 6.57 16.68 -22.55
CA CYS A 349 5.50 17.17 -23.40
C CYS A 349 5.99 18.38 -24.19
N SER A 350 5.52 18.49 -25.42
CA SER A 350 5.85 19.62 -26.30
C SER A 350 4.75 19.73 -27.36
N PRO A 351 4.45 20.94 -27.81
CA PRO A 351 3.62 21.08 -29.02
C PRO A 351 4.16 20.32 -30.22
N HIS A 352 5.47 20.36 -30.46
CA HIS A 352 6.03 19.78 -31.69
C HIS A 352 6.19 18.28 -31.51
N PRO A 353 5.56 17.46 -32.36
CA PRO A 353 5.65 16.00 -32.17
C PRO A 353 7.06 15.44 -32.36
N HIS A 354 7.81 16.00 -33.32
CA HIS A 354 9.17 15.50 -33.57
C HIS A 354 10.05 15.61 -32.34
N LYS A 355 9.82 16.63 -31.51
CA LYS A 355 10.60 16.79 -30.29
C LYS A 355 10.31 15.69 -29.28
N VAL A 356 9.03 15.32 -29.14
CA VAL A 356 8.66 14.22 -28.23
C VAL A 356 9.23 12.90 -28.74
N TYR A 357 9.15 12.67 -30.05
CA TYR A 357 9.75 11.48 -30.66
C TYR A 357 11.26 11.44 -30.42
N ASP A 358 11.93 12.56 -30.65
CA ASP A 358 13.37 12.66 -30.39
C ASP A 358 13.69 12.39 -28.94
N PHE A 359 12.85 12.87 -28.02
CA PHE A 359 13.11 12.63 -26.60
C PHE A 359 12.98 11.15 -26.26
N GLU A 360 11.95 10.49 -26.82
CA GLU A 360 11.82 9.05 -26.58
C GLU A 360 13.09 8.33 -27.03
N LEU A 361 13.61 8.66 -28.21
CA LEU A 361 14.80 7.95 -28.67
C LEU A 361 16.06 8.41 -27.95
N LEU A 362 16.09 9.65 -27.44
CA LEU A 362 17.22 10.12 -26.66
C LEU A 362 17.34 9.35 -25.35
N ILE A 363 16.23 9.20 -24.64
CA ILE A 363 16.24 8.42 -23.40
C ILE A 363 16.47 6.94 -23.70
N LYS A 364 15.88 6.44 -24.78
CA LYS A 364 16.02 5.03 -25.11
C LYS A 364 17.45 4.65 -25.46
N GLY A 365 18.23 5.59 -25.99
CA GLY A 365 19.62 5.30 -26.29
C GLY A 365 20.50 5.38 -25.06
N VAL A 366 20.25 6.37 -24.20
CA VAL A 366 21.09 6.57 -23.03
C VAL A 366 20.84 5.47 -22.00
N TYR A 367 19.59 5.19 -21.70
CA TYR A 367 19.22 4.12 -20.77
C TYR A 367 18.44 3.03 -21.49
N GLN A 368 18.38 1.86 -20.85
CA GLN A 368 17.50 0.78 -21.29
C GLN A 368 16.17 0.91 -20.58
N VAL A 369 15.08 0.88 -21.34
CA VAL A 369 13.76 1.17 -20.82
C VAL A 369 12.95 -0.13 -20.73
N ASN A 370 11.73 0.01 -20.21
CA ASN A 370 10.73 -1.08 -20.22
C ASN A 370 9.64 -0.62 -21.20
N PRO A 371 9.51 -1.28 -22.33
CA PRO A 371 8.66 -0.73 -23.41
C PRO A 371 7.17 -0.89 -23.20
N THR A 372 6.73 -1.80 -22.33
CA THR A 372 5.29 -1.89 -22.10
C THR A 372 4.79 -0.75 -21.25
N LYS A 373 5.66 -0.19 -20.42
CA LYS A 373 5.24 0.88 -19.48
C LYS A 373 5.24 2.25 -20.16
N THR A 374 5.89 2.42 -21.30
CA THR A 374 5.93 3.73 -21.94
C THR A 374 4.59 4.04 -22.60
N ARG A 375 4.12 5.26 -22.41
CA ARG A 375 2.81 5.72 -22.85
C ARG A 375 2.97 7.05 -23.54
N THR A 376 2.39 7.19 -24.74
CA THR A 376 2.44 8.45 -25.45
C THR A 376 1.28 8.55 -26.43
N ASN A 377 0.93 9.78 -26.78
CA ASN A 377 -0.06 10.06 -27.83
C ASN A 377 0.60 10.23 -29.19
N LEU A 378 1.88 9.91 -29.32
CA LEU A 378 2.57 10.06 -30.58
C LEU A 378 1.91 9.16 -31.64
N PRO A 379 1.58 9.70 -32.81
CA PRO A 379 0.96 8.85 -33.84
C PRO A 379 1.82 7.68 -34.28
N THR A 380 3.14 7.84 -34.30
CA THR A 380 4.01 6.78 -34.75
C THR A 380 3.93 5.56 -33.85
N HIS A 381 3.71 5.75 -32.55
CA HIS A 381 3.56 4.62 -31.66
C HIS A 381 2.27 3.85 -31.98
N ARG A 382 2.27 2.57 -31.62
CA ARG A 382 1.22 1.67 -32.09
C ARG A 382 -0.10 1.88 -31.35
N HIS A 383 -0.07 2.22 -30.07
CA HIS A 383 -1.27 2.37 -29.25
C HIS A 383 -1.27 3.74 -28.58
N PRO A 384 -1.38 4.82 -29.37
CA PRO A 384 -1.33 6.16 -28.77
C PRO A 384 -2.54 6.43 -27.90
N GLN A 385 -2.30 7.13 -26.79
CA GLN A 385 -3.32 7.45 -25.80
C GLN A 385 -3.31 8.94 -25.52
N ASP A 386 -4.49 9.54 -25.44
CA ASP A 386 -4.57 10.93 -25.00
C ASP A 386 -4.35 11.05 -23.50
N GLU A 387 -4.76 10.05 -22.72
CA GLU A 387 -4.54 10.05 -21.27
C GLU A 387 -3.26 9.30 -20.96
N ILE A 388 -2.34 9.96 -20.26
CA ILE A 388 -1.02 9.43 -19.93
C ILE A 388 -0.89 9.42 -18.42
N PRO A 389 -0.51 8.30 -17.81
CA PRO A 389 -0.40 8.26 -16.34
C PRO A 389 0.99 8.57 -15.83
N TYR A 390 1.10 9.52 -14.91
CA TYR A 390 2.38 9.89 -14.34
C TYR A 390 2.18 10.39 -12.92
N CYS A 391 3.03 9.90 -12.02
CA CYS A 391 3.13 10.39 -10.64
C CYS A 391 1.78 10.31 -9.93
N GLY A 392 1.14 9.15 -10.05
CA GLY A 392 -0.13 8.93 -9.39
C GLY A 392 -1.26 9.79 -9.92
N LYS A 393 -1.09 10.43 -11.07
CA LYS A 393 -2.12 11.24 -11.70
C LYS A 393 -2.27 10.80 -13.14
N ILE A 394 -3.32 11.31 -13.78
CA ILE A 394 -3.66 11.02 -15.17
C ILE A 394 -3.75 12.36 -15.89
N PHE A 395 -2.79 12.64 -16.78
CA PHE A 395 -2.79 13.85 -17.59
C PHE A 395 -3.36 13.53 -18.96
N ASN A 396 -4.46 14.15 -19.32
CA ASN A 396 -4.94 14.04 -20.69
C ASN A 396 -4.36 15.20 -21.49
N LEU A 397 -3.55 14.89 -22.50
CA LEU A 397 -2.81 15.92 -23.22
C LEU A 397 -3.75 16.77 -24.08
N THR A 398 -4.73 16.14 -24.71
CA THR A 398 -5.70 16.87 -25.52
C THR A 398 -6.58 17.75 -24.64
N THR A 399 -7.27 17.14 -23.68
CA THR A 399 -8.16 17.90 -22.81
C THR A 399 -7.41 18.81 -21.84
N ARG A 400 -6.14 18.54 -21.57
CA ARG A 400 -5.32 19.25 -20.58
C ARG A 400 -5.83 19.06 -19.15
N GLN A 401 -6.61 18.02 -18.92
CA GLN A 401 -7.19 17.73 -17.60
C GLN A 401 -6.39 16.64 -16.90
N VAL A 402 -6.35 16.71 -15.58
CA VAL A 402 -5.60 15.75 -14.78
C VAL A 402 -6.49 15.25 -13.64
N ARG A 403 -6.50 13.94 -13.44
CA ARG A 403 -7.35 13.32 -12.43
C ARG A 403 -6.54 12.28 -11.65
N THR A 404 -6.91 12.09 -10.38
CA THR A 404 -6.18 11.19 -9.51
C THR A 404 -6.16 9.79 -10.09
N LEU A 405 -5.01 9.12 -10.01
CA LEU A 405 -4.86 7.76 -10.50
C LEU A 405 -5.06 6.78 -9.35
N TYR A 406 -5.87 5.75 -9.60
CA TYR A 406 -6.17 4.72 -8.63
C TYR A 406 -5.74 3.36 -9.21
N LYS A 407 -5.26 2.48 -8.35
CA LYS A 407 -4.71 1.18 -8.75
C LYS A 407 -5.53 0.08 -8.10
N LEU A 408 -6.62 -0.32 -8.78
CA LEU A 408 -7.55 -1.32 -8.26
C LEU A 408 -7.70 -2.42 -9.30
N PRO A 409 -6.87 -3.46 -9.25
CA PRO A 409 -7.03 -4.60 -10.17
C PRO A 409 -8.40 -5.21 -10.06
N PRO A 410 -8.82 -6.04 -11.02
CA PRO A 410 -10.10 -6.72 -10.89
C PRO A 410 -10.06 -7.73 -9.75
N ASN A 411 -11.19 -7.86 -9.06
CA ASN A 411 -11.36 -8.73 -7.90
C ASN A 411 -10.54 -8.26 -6.70
N TYR A 412 -10.03 -7.04 -6.73
CA TYR A 412 -9.27 -6.50 -5.61
C TYR A 412 -10.22 -6.11 -4.48
N GLU A 413 -9.81 -6.41 -3.24
CA GLU A 413 -10.60 -6.09 -2.04
C GLU A 413 -10.10 -4.77 -1.48
N ILE A 414 -10.96 -3.75 -1.51
CA ILE A 414 -10.52 -2.40 -1.19
C ILE A 414 -10.23 -2.23 0.30
N ARG A 415 -10.75 -3.11 1.15
CA ARG A 415 -10.47 -3.02 2.57
C ARG A 415 -8.97 -3.03 2.85
N HIS A 416 -8.19 -3.62 1.94
CA HIS A 416 -6.74 -3.67 2.09
C HIS A 416 -6.14 -2.28 2.13
N LYS A 417 -6.72 -1.33 1.39
CA LYS A 417 -6.12 -0.01 1.22
C LYS A 417 -5.96 0.76 2.53
N PHE A 418 -6.70 0.39 3.58
CA PHE A 418 -6.78 1.20 4.78
C PHE A 418 -6.29 0.43 6.00
N LYS A 419 -5.41 1.06 6.77
CA LYS A 419 -4.90 0.51 8.02
C LYS A 419 -5.78 1.03 9.15
N LEU A 420 -6.64 0.16 9.68
CA LEU A 420 -7.56 0.56 10.73
C LEU A 420 -7.04 0.25 12.12
N TRP A 421 -6.02 -0.59 12.22
CA TRP A 421 -5.54 -1.09 13.50
C TRP A 421 -4.12 -0.57 13.74
N ASN A 422 -3.89 -0.08 14.95
CA ASN A 422 -2.62 0.52 15.35
C ASN A 422 -2.18 -0.15 16.64
N PHE A 423 -1.14 -0.97 16.55
CA PHE A 423 -0.67 -1.71 17.72
C PHE A 423 0.03 -0.80 18.73
N ASN A 424 0.57 0.34 18.29
CA ASN A 424 1.20 1.27 19.21
C ASN A 424 0.17 2.04 20.03
N ASN A 425 -0.97 2.38 19.42
CA ASN A 425 -2.04 3.10 20.10
C ASN A 425 -3.32 2.30 19.92
N GLN A 426 -3.69 1.53 20.94
CA GLN A 426 -4.77 0.56 20.84
C GLN A 426 -6.02 1.10 21.51
N ILE A 427 -7.15 0.94 20.83
CA ILE A 427 -8.45 1.33 21.35
C ILE A 427 -9.12 0.11 21.94
N SER A 428 -9.69 0.26 23.14
CA SER A 428 -10.40 -0.84 23.77
C SER A 428 -11.62 -1.22 22.94
N ASP A 429 -12.17 -2.40 23.23
CA ASP A 429 -13.29 -2.90 22.44
C ASP A 429 -14.58 -2.13 22.74
N ASP A 430 -14.67 -1.53 23.93
CA ASP A 430 -15.87 -0.80 24.32
C ASP A 430 -15.84 0.66 23.89
N ASN A 431 -14.84 1.08 23.12
CA ASN A 431 -14.74 2.45 22.61
C ASN A 431 -14.79 2.49 21.09
N PRO A 432 -15.92 2.10 20.49
CA PRO A 432 -16.03 2.16 19.02
C PRO A 432 -15.84 3.55 18.45
N ALA A 433 -16.27 4.59 19.17
CA ALA A 433 -16.24 5.95 18.64
C ALA A 433 -14.81 6.37 18.30
N ARG A 434 -13.86 6.08 19.18
CA ARG A 434 -12.47 6.42 18.91
C ARG A 434 -11.95 5.70 17.69
N PHE A 435 -12.29 4.42 17.53
CA PHE A 435 -11.86 3.65 16.37
C PHE A 435 -12.38 4.27 15.08
N LEU A 436 -13.69 4.50 15.00
CA LEU A 436 -14.28 5.04 13.78
C LEU A 436 -13.74 6.43 13.49
N GLN A 437 -13.67 7.29 14.51
CA GLN A 437 -13.12 8.62 14.32
C GLN A 437 -11.69 8.57 13.79
N LYS A 438 -10.79 7.93 14.55
CA LYS A 438 -9.40 7.80 14.14
C LYS A 438 -9.28 7.24 12.72
N ALA A 439 -10.21 6.37 12.33
CA ALA A 439 -10.24 5.94 10.94
C ALA A 439 -10.59 7.08 10.00
N MET A 440 -11.47 7.99 10.40
CA MET A 440 -11.95 9.02 9.49
C MET A 440 -11.23 10.37 9.64
N ASP A 441 -10.03 10.39 10.21
CA ASP A 441 -9.28 11.64 10.26
C ASP A 441 -8.78 11.99 8.87
N PHE A 442 -8.89 13.28 8.53
CA PHE A 442 -8.51 13.77 7.21
C PHE A 442 -7.12 13.34 6.73
N PRO A 443 -6.06 13.26 7.59
CA PRO A 443 -4.73 12.87 7.11
C PRO A 443 -4.63 11.74 6.09
N PHE A 444 -5.57 10.80 6.03
CA PHE A 444 -5.40 9.69 5.10
C PHE A 444 -5.70 10.10 3.67
N ILE A 445 -6.63 11.03 3.48
CA ILE A 445 -6.97 11.53 2.14
C ILE A 445 -6.29 12.86 1.83
N CYS A 446 -5.44 13.35 2.75
CA CYS A 446 -4.83 14.67 2.58
C CYS A 446 -4.13 14.81 1.24
N ASN A 447 -3.56 13.72 0.71
CA ASN A 447 -2.82 13.80 -0.54
C ASN A 447 -3.71 14.23 -1.69
N SER A 448 -4.99 13.86 -1.66
CA SER A 448 -5.89 14.17 -2.75
C SER A 448 -6.60 15.51 -2.59
N PHE A 449 -6.46 16.16 -1.44
CA PHE A 449 -7.06 17.48 -1.23
C PHE A 449 -5.97 18.54 -1.36
N THR A 450 -5.52 18.72 -2.60
CA THR A 450 -4.42 19.62 -2.93
C THR A 450 -4.88 20.61 -3.99
N LYS A 451 -3.96 21.52 -4.33
CA LYS A 451 -4.17 22.42 -5.47
C LYS A 451 -4.37 21.62 -6.76
N PHE A 452 -3.47 20.68 -7.02
CA PHE A 452 -3.46 19.97 -8.30
C PHE A 452 -4.84 19.45 -8.69
N GLU A 453 -5.58 18.91 -7.73
CA GLU A 453 -6.84 18.25 -8.02
C GLU A 453 -8.04 19.17 -7.85
N PHE A 454 -7.90 20.26 -7.12
CA PHE A 454 -8.98 21.22 -6.96
C PHE A 454 -8.69 22.55 -7.65
N ASN A 455 -7.51 22.72 -8.25
CA ASN A 455 -7.27 23.90 -9.05
C ASN A 455 -8.15 23.87 -10.28
N THR A 456 -8.56 25.06 -10.71
CA THR A 456 -9.35 25.22 -11.93
C THR A 456 -8.60 26.04 -12.96
N VAL A 457 -7.30 26.26 -12.76
CA VAL A 457 -6.50 27.04 -13.72
C VAL A 457 -6.41 26.29 -15.04
N PHE A 458 -6.02 25.02 -15.00
CA PHE A 458 -5.98 24.17 -16.17
C PHE A 458 -7.00 23.04 -16.12
N ASN A 459 -7.68 22.87 -14.99
CA ASN A 459 -8.69 21.83 -14.82
C ASN A 459 -10.08 22.42 -15.01
N ASP A 460 -10.94 21.69 -15.70
CA ASP A 460 -12.33 22.10 -15.81
C ASP A 460 -13.02 22.02 -14.46
N GLN A 461 -14.12 22.75 -14.34
CA GLN A 461 -14.91 22.68 -13.12
C GLN A 461 -15.48 21.29 -12.91
N ARG A 462 -15.96 20.66 -13.99
CA ARG A 462 -16.49 19.31 -13.88
C ARG A 462 -15.39 18.30 -13.54
N THR A 463 -14.15 18.54 -13.98
CA THR A 463 -13.07 17.65 -13.57
C THR A 463 -12.70 17.85 -12.11
N VAL A 464 -12.80 19.09 -11.61
CA VAL A 464 -12.65 19.32 -10.18
C VAL A 464 -13.71 18.54 -9.41
N PHE A 465 -14.95 18.61 -9.87
CA PHE A 465 -16.03 17.82 -9.27
C PHE A 465 -15.70 16.34 -9.30
N ALA A 466 -15.16 15.85 -10.42
CA ALA A 466 -14.85 14.44 -10.55
C ALA A 466 -13.78 14.00 -9.56
N ASN A 467 -12.72 14.81 -9.43
CA ASN A 467 -11.66 14.48 -8.47
C ASN A 467 -12.20 14.44 -7.05
N PHE A 468 -12.99 15.46 -6.66
CA PHE A 468 -13.52 15.47 -5.31
C PHE A 468 -14.46 14.30 -5.07
N TYR A 469 -15.28 13.96 -6.07
CA TYR A 469 -16.20 12.83 -5.95
C TYR A 469 -15.44 11.52 -5.76
N ASP A 470 -14.38 11.31 -6.54
CA ASP A 470 -13.58 10.11 -6.39
C ASP A 470 -12.94 10.05 -5.00
N ALA A 471 -12.42 11.17 -4.51
CA ALA A 471 -11.84 11.21 -3.18
C ALA A 471 -12.87 10.82 -2.11
N MET A 472 -14.09 11.35 -2.24
CA MET A 472 -15.13 11.02 -1.28
C MET A 472 -15.53 9.55 -1.37
N ILE A 473 -15.53 8.99 -2.58
CA ILE A 473 -15.78 7.57 -2.75
C ILE A 473 -14.76 6.75 -1.95
N CYS A 474 -13.48 7.13 -2.06
CA CYS A 474 -12.44 6.49 -1.26
C CYS A 474 -12.76 6.57 0.23
N VAL A 475 -13.08 7.79 0.69
CA VAL A 475 -13.42 8.01 2.09
C VAL A 475 -14.55 7.07 2.53
N ALA A 476 -15.55 6.90 1.66
CA ALA A 476 -16.72 6.09 2.01
C ALA A 476 -16.36 4.62 2.09
N TYR A 477 -15.53 4.13 1.17
CA TYR A 477 -15.06 2.76 1.26
C TYR A 477 -14.30 2.53 2.56
N LYS A 478 -13.49 3.51 2.96
CA LYS A 478 -12.81 3.43 4.26
C LYS A 478 -13.82 3.35 5.41
N PHE A 479 -14.88 4.18 5.34
CA PHE A 479 -15.92 4.17 6.37
C PHE A 479 -16.57 2.80 6.49
N ASP A 480 -16.98 2.22 5.36
CA ASP A 480 -17.64 0.91 5.35
C ASP A 480 -16.71 -0.18 5.89
N ALA A 481 -15.45 -0.16 5.47
CA ALA A 481 -14.48 -1.11 6.00
C ALA A 481 -14.38 -0.98 7.52
N ALA A 482 -14.33 0.25 8.03
CA ALA A 482 -14.28 0.46 9.47
C ALA A 482 -15.54 -0.08 10.14
N MET A 483 -16.69 0.07 9.49
CA MET A 483 -17.94 -0.45 10.06
C MET A 483 -17.89 -1.95 10.20
N MET A 484 -17.42 -2.63 9.16
CA MET A 484 -17.24 -4.08 9.24
C MET A 484 -16.27 -4.43 10.36
N ALA A 485 -15.23 -3.63 10.56
CA ALA A 485 -14.28 -3.91 11.64
C ALA A 485 -14.95 -3.76 13.00
N LEU A 486 -15.85 -2.78 13.11
CA LEU A 486 -16.63 -2.60 14.32
C LEU A 486 -17.49 -3.82 14.60
N ARG A 487 -18.09 -4.38 13.54
CA ARG A 487 -18.98 -5.53 13.71
C ARG A 487 -18.20 -6.83 13.94
N THR A 488 -16.96 -6.91 13.46
CA THR A 488 -16.24 -8.16 13.53
C THR A 488 -15.57 -8.35 14.88
N SER A 489 -15.09 -7.26 15.48
CA SER A 489 -14.23 -7.33 16.66
C SER A 489 -14.77 -6.51 17.82
N PHE A 490 -15.15 -5.25 17.59
CA PHE A 490 -15.83 -4.51 18.64
C PHE A 490 -17.14 -5.19 19.01
N LEU A 491 -17.89 -5.67 18.02
CA LEU A 491 -19.16 -6.38 18.22
C LEU A 491 -20.07 -5.64 19.19
N VAL A 492 -20.01 -4.31 19.17
CA VAL A 492 -20.84 -3.48 20.02
C VAL A 492 -22.13 -3.22 19.26
N ASN A 493 -23.18 -3.97 19.60
CA ASN A 493 -24.46 -3.81 18.93
C ASN A 493 -25.13 -2.50 19.32
N ASP A 494 -24.86 -1.99 20.51
CA ASP A 494 -25.50 -0.78 21.02
C ASP A 494 -24.73 0.44 20.49
N PHE A 495 -25.03 0.80 19.24
CA PHE A 495 -24.28 1.85 18.56
C PHE A 495 -25.25 2.79 17.84
N GLY A 496 -25.23 4.07 18.23
CA GLY A 496 -26.00 5.10 17.58
C GLY A 496 -25.17 6.34 17.31
N PHE A 497 -23.93 6.32 17.79
CA PHE A 497 -22.98 7.41 17.59
C PHE A 497 -22.47 7.50 16.16
N ILE A 498 -22.80 6.53 15.31
CA ILE A 498 -22.21 6.43 13.97
C ILE A 498 -22.55 7.66 13.14
N TRP A 499 -23.81 8.12 13.21
CA TRP A 499 -24.27 9.18 12.33
C TRP A 499 -23.55 10.49 12.61
N LEU A 500 -23.23 10.78 13.88
CA LEU A 500 -22.52 12.01 14.20
C LEU A 500 -21.16 12.05 13.50
N VAL A 501 -20.39 10.98 13.61
CA VAL A 501 -19.08 10.91 12.96
C VAL A 501 -19.22 11.06 11.45
N LEU A 502 -20.19 10.33 10.89
CA LEU A 502 -20.42 10.39 9.44
C LEU A 502 -20.67 11.82 8.96
N SER A 503 -21.66 12.49 9.58
CA SER A 503 -22.05 13.82 9.14
C SER A 503 -20.93 14.83 9.37
N SER A 504 -20.30 14.78 10.56
CA SER A 504 -19.19 15.67 10.86
C SER A 504 -18.08 15.53 9.82
N THR A 505 -17.80 14.30 9.38
CA THR A 505 -16.72 14.10 8.43
C THR A 505 -17.08 14.63 7.05
N VAL A 506 -18.33 14.41 6.61
CA VAL A 506 -18.74 15.01 5.32
C VAL A 506 -18.58 16.52 5.38
N ARG A 507 -19.09 17.14 6.44
CA ARG A 507 -18.97 18.58 6.62
C ARG A 507 -17.52 19.05 6.54
N ALA A 508 -16.63 18.40 7.30
CA ALA A 508 -15.26 18.86 7.39
C ALA A 508 -14.50 18.67 6.09
N TYR A 509 -14.69 17.51 5.42
CA TYR A 509 -13.98 17.29 4.17
C TYR A 509 -14.47 18.25 3.09
N ALA A 510 -15.78 18.55 3.08
CA ALA A 510 -16.28 19.58 2.17
C ALA A 510 -15.63 20.92 2.46
N SER A 511 -15.48 21.26 3.75
CA SER A 511 -14.83 22.52 4.10
C SER A 511 -13.39 22.58 3.60
N ARG A 512 -12.65 21.48 3.77
CA ARG A 512 -11.25 21.45 3.36
C ARG A 512 -11.13 21.57 1.84
N ALA A 513 -11.92 20.79 1.11
CA ALA A 513 -11.87 20.86 -0.35
C ALA A 513 -12.32 22.22 -0.86
N PHE A 514 -13.30 22.83 -0.19
CA PHE A 514 -13.77 24.15 -0.58
C PHE A 514 -12.69 25.21 -0.34
N LYS A 515 -12.02 25.15 0.82
CA LYS A 515 -10.98 26.13 1.12
C LYS A 515 -9.77 25.97 0.22
N LYS A 516 -9.44 24.74 -0.18
CA LYS A 516 -8.34 24.57 -1.13
C LYS A 516 -8.76 24.91 -2.54
N ILE A 517 -10.05 24.81 -2.85
CA ILE A 517 -10.53 25.14 -4.20
C ILE A 517 -10.64 26.64 -4.38
N VAL A 518 -11.07 27.36 -3.35
CA VAL A 518 -11.16 28.81 -3.47
C VAL A 518 -9.76 29.43 -3.57
N THR A 519 -8.81 28.91 -2.79
CA THR A 519 -7.46 29.46 -2.83
C THR A 519 -6.85 29.34 -4.21
N TYR A 520 -7.03 28.19 -4.86
CA TYR A 520 -6.48 27.96 -6.19
C TYR A 520 -7.59 28.09 -7.25
N LYS A 521 -8.19 29.29 -7.24
CA LYS A 521 -9.18 29.66 -8.23
C LYS A 521 -8.55 29.67 -9.61
N GLY A 522 -9.31 29.22 -10.61
CA GLY A 522 -8.82 29.14 -11.97
C GLY A 522 -9.63 30.01 -12.92
N GLY A 523 -9.06 30.21 -14.11
CA GLY A 523 -9.77 30.94 -15.13
C GLY A 523 -11.04 30.25 -15.59
N LYS A 524 -11.06 28.93 -15.54
CA LYS A 524 -12.24 28.15 -15.88
C LYS A 524 -13.26 28.10 -14.75
N TYR A 525 -12.99 28.75 -13.62
CA TYR A 525 -13.90 28.69 -12.48
C TYR A 525 -15.13 29.58 -12.72
N ARG A 526 -16.30 29.03 -12.39
CA ARG A 526 -17.55 29.77 -12.48
C ARG A 526 -18.00 30.10 -11.06
N LYS A 527 -19.01 29.41 -10.53
CA LYS A 527 -19.42 29.51 -9.14
C LYS A 527 -19.49 28.10 -8.57
N VAL A 528 -18.83 27.87 -7.44
CA VAL A 528 -18.78 26.54 -6.84
C VAL A 528 -19.49 26.60 -5.50
N THR A 529 -20.59 25.87 -5.38
CA THR A 529 -21.34 25.78 -4.14
C THR A 529 -20.53 25.07 -3.05
N PHE A 530 -20.63 25.58 -1.83
CA PHE A 530 -20.31 24.76 -0.67
C PHE A 530 -21.37 23.67 -0.48
N GLN A 531 -22.64 24.05 -0.63
CA GLN A 531 -23.76 23.15 -0.35
C GLN A 531 -23.72 21.93 -1.27
N CYS A 532 -23.67 22.16 -2.58
CA CYS A 532 -23.66 21.02 -3.49
C CYS A 532 -22.35 20.26 -3.43
N LEU A 533 -21.27 20.85 -2.90
CA LEU A 533 -20.06 20.06 -2.64
C LEU A 533 -20.32 19.04 -1.53
N LYS A 534 -20.91 19.48 -0.42
CA LYS A 534 -21.28 18.53 0.64
C LYS A 534 -22.28 17.50 0.11
N SER A 535 -23.22 17.94 -0.72
CA SER A 535 -24.21 17.03 -1.28
C SER A 535 -23.54 15.99 -2.19
N ILE A 536 -22.53 16.41 -2.95
CA ILE A 536 -21.77 15.47 -3.77
C ILE A 536 -21.06 14.46 -2.89
N ALA A 537 -20.52 14.93 -1.75
CA ALA A 537 -19.94 14.00 -0.79
C ALA A 537 -20.96 12.94 -0.36
N TRP A 538 -22.20 13.36 -0.10
CA TRP A 538 -23.20 12.40 0.36
C TRP A 538 -23.62 11.44 -0.74
N ARG A 539 -23.78 11.94 -1.97
CA ARG A 539 -24.11 11.05 -3.08
C ARG A 539 -22.98 10.06 -3.34
N ALA A 540 -21.73 10.51 -3.20
CA ALA A 540 -20.58 9.63 -3.30
C ALA A 540 -20.64 8.54 -2.24
N PHE A 541 -21.00 8.93 -1.01
CA PHE A 541 -21.22 7.95 0.05
C PHE A 541 -22.26 6.92 -0.38
N LEU A 542 -23.44 7.40 -0.78
CA LEU A 542 -24.54 6.49 -1.11
C LEU A 542 -24.16 5.52 -2.21
N ALA A 543 -23.36 5.99 -3.18
CA ALA A 543 -22.86 5.11 -4.23
C ALA A 543 -22.14 3.90 -3.67
N VAL A 544 -21.54 4.04 -2.49
CA VAL A 544 -20.82 2.95 -1.84
C VAL A 544 -21.71 2.19 -0.87
N LEU A 545 -22.54 2.92 -0.12
CA LEU A 545 -23.40 2.27 0.89
C LEU A 545 -24.48 1.41 0.24
N LYS A 546 -24.90 1.76 -0.98
CA LYS A 546 -25.86 0.95 -1.71
C LYS A 546 -25.31 -0.43 -2.05
N ARG A 547 -23.99 -0.62 -1.96
CA ARG A 547 -23.40 -1.94 -2.22
C ARG A 547 -23.76 -2.96 -1.14
N ARG A 548 -24.16 -2.50 0.06
CA ARG A 548 -24.63 -3.37 1.14
C ARG A 548 -25.89 -2.74 1.72
N THR A 549 -26.95 -2.74 0.91
CA THR A 549 -28.13 -1.95 1.26
C THR A 549 -28.98 -2.60 2.35
N GLU A 550 -28.97 -3.92 2.48
CA GLU A 550 -29.72 -4.52 3.59
C GLU A 550 -29.07 -4.19 4.92
N ILE A 551 -27.74 -4.29 5.00
CA ILE A 551 -27.04 -3.96 6.24
C ILE A 551 -27.10 -2.45 6.52
N TYR A 552 -27.13 -1.63 5.47
CA TYR A 552 -27.06 -0.18 5.66
C TYR A 552 -28.38 0.54 5.48
N LYS A 553 -29.50 -0.16 5.27
CA LYS A 553 -30.70 0.50 4.76
C LYS A 553 -31.23 1.56 5.71
N GLY A 554 -31.21 1.29 7.02
CA GLY A 554 -31.52 2.36 7.96
C GLY A 554 -30.71 3.61 7.70
N LEU A 555 -29.39 3.45 7.58
CA LEU A 555 -28.51 4.59 7.37
C LEU A 555 -28.78 5.27 6.03
N ILE A 556 -28.93 4.48 4.96
CA ILE A 556 -29.06 5.09 3.63
C ILE A 556 -30.38 5.82 3.50
N ASP A 557 -31.47 5.25 4.04
CA ASP A 557 -32.74 5.95 4.05
C ASP A 557 -32.65 7.22 4.90
N ARG A 558 -31.89 7.17 6.00
CA ARG A 558 -31.64 8.38 6.77
C ARG A 558 -30.88 9.42 5.95
N ILE A 559 -29.97 8.96 5.08
CA ILE A 559 -29.19 9.90 4.27
C ILE A 559 -30.08 10.59 3.25
N LYS A 560 -31.02 9.85 2.65
CA LYS A 560 -31.81 10.42 1.56
C LYS A 560 -32.61 11.64 2.01
N SER A 561 -33.13 11.62 3.24
CA SER A 561 -33.90 12.75 3.74
C SER A 561 -32.98 13.73 4.47
N LYS A 564 -29.73 16.93 1.90
CA LYS A 564 -29.95 17.93 0.85
C LYS A 564 -28.98 17.70 -0.31
N LEU A 565 -29.53 17.43 -1.49
CA LEU A 565 -28.76 17.01 -2.66
C LEU A 565 -29.12 17.89 -3.86
N THR A 566 -28.79 19.18 -3.78
CA THR A 566 -29.16 20.15 -4.81
C THR A 566 -27.95 20.47 -5.68
N MET A 567 -27.96 20.00 -6.91
CA MET A 567 -26.87 20.28 -7.85
C MET A 567 -27.28 21.35 -8.87
N HIS A 570 -26.02 25.07 -11.52
CA HIS A 570 -24.81 25.88 -11.46
C HIS A 570 -24.28 26.19 -12.85
N ASP A 571 -23.58 25.21 -13.43
CA ASP A 571 -22.98 25.31 -14.75
C ASP A 571 -23.36 24.08 -15.55
N GLY A 572 -23.72 24.27 -16.81
CA GLY A 572 -24.19 23.18 -17.64
C GLY A 572 -23.13 22.18 -18.04
N GLU A 573 -21.85 22.47 -17.80
CA GLU A 573 -20.80 21.56 -18.23
C GLU A 573 -20.79 20.29 -17.39
N VAL A 574 -21.20 20.36 -16.13
CA VAL A 574 -21.32 19.17 -15.30
C VAL A 574 -22.42 18.29 -15.89
N ASP A 575 -22.02 17.11 -16.37
CA ASP A 575 -23.00 16.16 -16.90
C ASP A 575 -24.02 15.79 -15.83
N ALA A 576 -23.55 15.56 -14.60
CA ALA A 576 -24.29 15.20 -13.40
C ALA A 576 -24.73 13.75 -13.38
N SER A 577 -24.59 12.99 -14.48
CA SER A 577 -24.85 11.56 -14.42
C SER A 577 -23.76 10.84 -13.64
N TYR A 578 -22.55 11.40 -13.63
CA TYR A 578 -21.41 10.75 -12.98
C TYR A 578 -21.58 10.66 -11.47
N PHE A 579 -22.29 11.62 -10.87
CA PHE A 579 -22.39 11.68 -9.41
C PHE A 579 -23.43 10.71 -8.86
N CYS A 580 -24.43 10.35 -9.66
CA CYS A 580 -25.51 9.50 -9.15
C CYS A 580 -25.09 8.04 -9.12
N LYS A 581 -24.38 7.57 -10.14
CA LYS A 581 -23.91 6.19 -10.20
C LYS A 581 -22.42 6.14 -9.89
N LEU A 582 -22.04 5.21 -9.01
CA LEU A 582 -20.64 5.06 -8.65
C LEU A 582 -19.79 4.80 -9.88
N PRO A 583 -18.60 5.41 -9.99
CA PRO A 583 -17.75 5.22 -11.16
C PRO A 583 -17.42 3.76 -11.39
N GLU A 584 -17.13 3.42 -12.65
CA GLU A 584 -16.89 2.02 -13.03
C GLU A 584 -15.67 1.45 -12.33
N LYS A 585 -14.72 2.31 -11.95
CA LYS A 585 -13.51 1.81 -11.29
C LYS A 585 -13.83 1.16 -9.95
N PHE A 586 -14.80 1.71 -9.23
CA PHE A 586 -15.13 1.27 -7.89
C PHE A 586 -16.26 0.25 -7.85
N ARG A 587 -16.85 -0.10 -9.01
CA ARG A 587 -17.98 -1.02 -9.01
C ARG A 587 -17.57 -2.46 -8.78
N PHE A 588 -16.36 -2.85 -9.17
CA PHE A 588 -15.96 -4.24 -9.16
C PHE A 588 -15.01 -4.58 -8.02
N VAL A 589 -14.73 -3.65 -7.12
CA VAL A 589 -13.87 -3.94 -5.99
C VAL A 589 -14.64 -4.76 -4.96
N LYS A 590 -13.98 -5.79 -4.41
CA LYS A 590 -14.63 -6.81 -3.61
C LYS A 590 -14.78 -6.34 -2.17
N ILE A 591 -16.03 -6.17 -1.72
CA ILE A 591 -16.33 -5.63 -0.39
C ILE A 591 -16.76 -6.73 0.59
N ASN A 592 -16.79 -7.98 0.16
CA ASN A 592 -17.03 -9.08 1.07
C ASN A 592 -15.77 -9.95 1.13
N ARG A 593 -15.34 -10.28 2.34
CA ARG A 593 -14.15 -11.10 2.53
C ARG A 593 -14.54 -12.55 2.75
N LYS A 594 -13.92 -13.44 1.98
CA LYS A 594 -14.16 -14.87 2.10
C LYS A 594 -12.84 -15.58 1.81
N ALA A 595 -12.55 -16.61 2.60
CA ALA A 595 -11.29 -17.35 2.48
C ALA A 595 -11.16 -18.01 1.11
N SER A 596 -10.20 -17.56 0.31
CA SER A 596 -9.94 -18.11 -1.01
C SER A 596 -8.86 -19.19 -0.99
N ILE A 597 -8.49 -19.68 0.18
CA ILE A 597 -7.47 -20.71 0.31
C ILE A 597 -7.87 -21.74 1.36
MG MG D . -6.38 5.94 -0.91
MG MG E . 11.35 1.53 -13.19
MG MG F . 8.18 3.36 -12.33
PG G2P G . 11.49 -2.01 -13.77
O1G G2P G . 10.68 -0.84 -14.23
O2G G2P G . 10.58 -3.04 -13.17
O3G G2P G . 12.22 -2.61 -14.94
O3B G2P G . 12.54 -1.56 -12.65
PB G2P G . 12.38 -0.71 -11.34
O1B G2P G . 12.82 0.76 -11.64
O2B G2P G . 13.09 -1.31 -10.15
C3A G2P G . 10.56 -0.70 -11.14
PA G2P G . 9.79 0.70 -10.09
O1A G2P G . 9.22 1.80 -11.01
O2A G2P G . 8.67 0.11 -9.24
O5' G2P G . 10.90 1.25 -9.15
C5' G2P G . 11.68 2.40 -9.54
C4' G2P G . 12.78 2.55 -8.57
O4' G2P G . 12.18 3.00 -7.33
C3' G2P G . 13.31 1.14 -8.29
O3' G2P G . 14.48 0.85 -9.06
C2' G2P G . 13.66 1.20 -6.82
C1' G2P G . 12.74 2.26 -6.25
N9 G2P G . 11.77 1.81 -5.44
C8 G2P G . 10.46 1.70 -5.99
N7 G2P G . 9.71 1.22 -4.96
C5 G2P G . 10.35 0.98 -3.75
C6 G2P G . 10.03 0.47 -2.36
O6 G2P G . 8.89 0.13 -2.06
N1 G2P G . 11.04 0.41 -1.50
C2 G2P G . 12.33 0.79 -1.82
N2 G2P G . 13.23 0.66 -0.81
N3 G2P G . 12.70 1.26 -3.06
C4 G2P G . 11.77 1.37 -4.04
K K H . 7.75 -0.06 -12.39
MG MG I . 4.28 6.14 8.01
MG MG J . -1.47 14.71 26.99
#